data_8ER6
#
_entry.id   8ER6
#
_cell.length_a   125.309
_cell.length_b   125.309
_cell.length_c   252.851
_cell.angle_alpha   90.000
_cell.angle_beta   90.000
_cell.angle_gamma   120.000
#
_symmetry.space_group_name_H-M   'P 64 2 2'
#
loop_
_entity.id
_entity.type
_entity.pdbx_description
1 polymer 'Peptidyl-prolyl cis-trans isomerase FKBP1A'
2 polymer 'non-specific serine/threonine protein kinase'
3 non-polymer (3S,5R,6R,7E,9R,10R,12R,14S,15E,17E,19E,21S,23S,26R,27R,30R,34aS)-5,9,27-trihydroxy-3-{(2R)-1-[(1S,3R,4R)-4-hydroxy-3-methoxycyclohexyl]propan-2-yl}-10,21-dimethoxy-6,8,12,14,20,26-hexamethyl-5,6,9,10,12,13,14,21,22,23,24,25,26,27,32,33,34,34a-octadecahydro-3H-23,27-epoxypyrido[2,1-c][1,4]oxazacyclohentriacontine-1,11,28,29(4H,31H)-tetrone
4 non-polymer 1,2-ETHANEDIOL
5 water water
#
loop_
_entity_poly.entity_id
_entity_poly.type
_entity_poly.pdbx_seq_one_letter_code
_entity_poly.pdbx_strand_id
1 'polypeptide(L)'
;GVQVETISPGDGRTFPKRGQTCVVHYTGMLEDGKKFDSSRDRNKPFKFMLGKQEVIRGWEEGVAQMSVGQRAKLTISPDY
AYGATGHPGIIPPHATLVFDVELLKLE
;
A,C,E
2 'polypeptide(L)'
;GVAILWHEMWHEGLEEASRLYFGERNVKGMFEVLEPLHAMMERGPQTLKETSFNQAYGRDLMEAQEWCRKYMKSGNVKDL
TQAWDLYYHVFRRIS
;
B,D,F
#
# COMPACT_ATOMS: atom_id res chain seq x y z
N GLY A 1 -6.82 32.02 -28.65
CA GLY A 1 -7.90 31.14 -29.18
C GLY A 1 -7.61 29.67 -28.98
N VAL A 2 -8.03 28.86 -29.95
CA VAL A 2 -7.76 27.40 -29.97
C VAL A 2 -7.13 27.06 -31.34
N GLN A 3 -6.10 26.21 -31.29
CA GLN A 3 -5.45 25.65 -32.50
C GLN A 3 -5.78 24.16 -32.54
N VAL A 4 -6.41 23.70 -33.62
CA VAL A 4 -6.65 22.28 -33.89
C VAL A 4 -5.60 21.80 -34.91
N GLU A 5 -4.84 20.76 -34.56
CA GLU A 5 -3.89 20.09 -35.45
C GLU A 5 -4.28 18.61 -35.47
N THR A 6 -4.59 18.09 -36.66
CA THR A 6 -5.02 16.69 -36.81
C THR A 6 -3.83 15.75 -36.63
N ILE A 7 -4.02 14.75 -35.77
CA ILE A 7 -3.08 13.66 -35.53
C ILE A 7 -3.47 12.50 -36.46
N SER A 8 -4.71 12.04 -36.35
CA SER A 8 -5.31 10.97 -37.19
C SER A 8 -6.61 11.51 -37.82
N PRO A 9 -6.82 11.32 -39.15
CA PRO A 9 -7.99 11.89 -39.81
C PRO A 9 -9.32 11.19 -39.46
N GLY A 10 -10.42 11.93 -39.52
CA GLY A 10 -11.79 11.37 -39.49
C GLY A 10 -12.29 11.12 -40.90
N ASP A 11 -13.60 10.98 -41.05
CA ASP A 11 -14.23 10.90 -42.39
C ASP A 11 -14.30 12.23 -43.18
N GLY A 12 -14.04 13.37 -42.51
CA GLY A 12 -14.10 14.70 -43.14
C GLY A 12 -15.48 15.14 -43.63
N ARG A 13 -16.54 14.61 -43.00
CA ARG A 13 -17.93 14.78 -43.47
C ARG A 13 -18.98 14.88 -42.35
N THR A 14 -18.91 13.95 -41.39
CA THR A 14 -19.77 13.91 -40.20
C THR A 14 -19.22 14.84 -39.12
N PHE A 15 -19.67 16.10 -39.12
CA PHE A 15 -19.35 17.09 -38.08
C PHE A 15 -20.51 17.17 -37.05
N PRO A 16 -20.21 17.51 -35.77
CA PRO A 16 -21.27 17.55 -34.76
C PRO A 16 -22.20 18.76 -34.95
N LYS A 17 -23.49 18.47 -35.20
CA LYS A 17 -24.55 19.48 -35.16
C LYS A 17 -24.96 19.75 -33.71
N ARG A 18 -25.49 20.94 -33.43
CA ARG A 18 -25.99 21.29 -32.09
C ARG A 18 -27.25 20.48 -31.79
N GLY A 19 -27.34 19.98 -30.55
CA GLY A 19 -28.35 18.99 -30.16
C GLY A 19 -27.73 17.62 -29.87
N GLN A 20 -26.75 17.22 -30.70
CA GLN A 20 -26.07 15.94 -30.55
C GLN A 20 -25.09 15.93 -29.36
N THR A 21 -25.00 14.77 -28.70
CA THR A 21 -23.98 14.52 -27.69
C THR A 21 -22.74 13.98 -28.40
N CYS A 22 -21.59 14.62 -28.18
CA CYS A 22 -20.30 14.14 -28.67
C CYS A 22 -19.75 13.14 -27.66
N VAL A 23 -19.37 11.96 -28.13
CA VAL A 23 -18.68 10.94 -27.33
C VAL A 23 -17.22 11.01 -27.75
N VAL A 24 -16.33 11.32 -26.79
CA VAL A 24 -14.89 11.49 -27.06
C VAL A 24 -14.02 10.72 -26.08
N HIS A 25 -12.80 10.40 -26.50
CA HIS A 25 -11.69 10.08 -25.58
C HIS A 25 -10.77 11.29 -25.60
N TYR A 26 -10.34 11.74 -24.42
CA TYR A 26 -9.42 12.89 -24.30
C TYR A 26 -8.28 12.61 -23.32
N THR A 27 -7.22 13.38 -23.48
CA THR A 27 -6.07 13.42 -22.56
C THR A 27 -5.68 14.89 -22.42
N GLY A 28 -5.94 15.49 -21.25
CA GLY A 28 -5.61 16.89 -20.95
C GLY A 28 -4.28 17.01 -20.23
N MET A 29 -3.45 17.94 -20.69
CA MET A 29 -2.13 18.21 -20.11
C MET A 29 -1.75 19.68 -20.20
N LEU A 30 -0.86 20.08 -19.30
CA LEU A 30 -0.38 21.45 -19.20
C LEU A 30 0.67 21.67 -20.32
N GLU A 31 1.10 22.92 -20.50
CA GLU A 31 2.02 23.25 -21.61
C GLU A 31 3.36 22.46 -21.61
N ASP A 32 3.89 22.20 -20.41
CA ASP A 32 5.11 21.33 -20.25
C ASP A 32 4.93 19.85 -20.66
N GLY A 33 3.70 19.35 -20.65
CA GLY A 33 3.36 17.96 -21.05
C GLY A 33 2.82 17.06 -19.94
N LYS A 34 2.88 17.51 -18.68
CA LYS A 34 2.32 16.79 -17.53
C LYS A 34 0.80 16.67 -17.64
N LYS A 35 0.32 15.43 -17.60
CA LYS A 35 -1.11 15.11 -17.66
C LYS A 35 -1.80 15.51 -16.37
N PHE A 36 -3.00 16.06 -16.50
CA PHE A 36 -3.95 16.29 -15.37
C PHE A 36 -5.24 15.47 -15.42
N ASP A 37 -5.69 15.09 -16.62
CA ASP A 37 -6.87 14.24 -16.80
C ASP A 37 -6.76 13.41 -18.08
N SER A 38 -7.30 12.19 -18.03
CA SER A 38 -7.39 11.32 -19.22
C SER A 38 -8.52 10.31 -19.11
N SER A 39 -9.48 10.41 -20.03
CA SER A 39 -10.54 9.40 -20.15
C SER A 39 -10.00 8.04 -20.62
N ARG A 40 -8.93 8.04 -21.43
CA ARG A 40 -8.28 6.79 -21.88
C ARG A 40 -7.73 5.93 -20.75
N ASP A 41 -7.07 6.58 -19.82
CA ASP A 41 -6.53 5.93 -18.61
C ASP A 41 -7.62 5.28 -17.74
N ARG A 42 -8.83 5.86 -17.73
CA ARG A 42 -10.01 5.27 -17.07
C ARG A 42 -10.76 4.21 -17.89
N ASN A 43 -10.52 4.18 -19.20
CA ASN A 43 -11.11 3.25 -20.17
C ASN A 43 -12.63 3.50 -20.30
N LYS A 44 -13.02 4.78 -20.23
CA LYS A 44 -14.42 5.20 -20.22
C LYS A 44 -14.50 6.53 -20.96
N PRO A 45 -15.16 6.55 -22.14
CA PRO A 45 -15.25 7.82 -22.87
C PRO A 45 -16.09 8.90 -22.18
N PHE A 46 -15.85 10.15 -22.59
CA PHE A 46 -16.50 11.33 -22.07
C PHE A 46 -17.60 11.74 -23.05
N LYS A 47 -18.83 11.82 -22.54
CA LYS A 47 -19.99 12.30 -23.29
C LYS A 47 -20.30 13.73 -22.83
N PHE A 48 -20.60 14.61 -23.78
CA PHE A 48 -21.12 15.96 -23.48
C PHE A 48 -21.87 16.54 -24.69
N MET A 49 -22.81 17.43 -24.42
CA MET A 49 -23.59 18.11 -25.46
C MET A 49 -22.86 19.40 -25.84
N LEU A 50 -22.84 19.66 -27.15
CA LEU A 50 -22.09 20.77 -27.72
C LEU A 50 -22.98 22.02 -27.78
N GLY A 51 -22.34 23.18 -27.75
CA GLY A 51 -23.00 24.48 -27.86
C GLY A 51 -23.95 24.93 -26.74
N LYS A 52 -23.90 24.26 -25.58
CA LYS A 52 -24.71 24.61 -24.40
C LYS A 52 -23.88 25.34 -23.30
N GLN A 53 -22.64 25.74 -23.62
CA GLN A 53 -21.63 26.19 -22.64
C GLN A 53 -21.32 25.16 -21.52
N GLU A 54 -21.47 23.87 -21.85
CA GLU A 54 -21.17 22.77 -20.91
C GLU A 54 -19.67 22.70 -20.61
N VAL A 55 -18.83 22.97 -21.62
CA VAL A 55 -17.36 22.87 -21.54
C VAL A 55 -16.67 24.21 -21.82
N ILE A 56 -15.36 24.27 -21.56
CA ILE A 56 -14.53 25.46 -21.86
C ILE A 56 -14.58 25.86 -23.34
N ARG A 57 -14.37 27.16 -23.60
CA ARG A 57 -14.53 27.73 -24.95
C ARG A 57 -13.67 27.07 -26.03
N GLY A 58 -12.46 26.63 -25.66
CA GLY A 58 -11.56 25.92 -26.58
C GLY A 58 -12.13 24.62 -27.12
N TRP A 59 -12.82 23.88 -26.24
CA TRP A 59 -13.62 22.71 -26.65
C TRP A 59 -14.84 23.08 -27.48
N GLU A 60 -15.57 24.10 -27.04
CA GLU A 60 -16.81 24.51 -27.70
C GLU A 60 -16.57 24.87 -29.18
N GLU A 61 -15.48 25.62 -29.44
CA GLU A 61 -15.06 25.98 -30.82
C GLU A 61 -14.19 24.91 -31.52
N GLY A 62 -13.36 24.19 -30.76
CA GLY A 62 -12.43 23.19 -31.32
C GLY A 62 -13.06 21.86 -31.73
N VAL A 63 -13.86 21.29 -30.84
CA VAL A 63 -14.52 20.01 -31.09
C VAL A 63 -15.59 20.18 -32.17
N ALA A 64 -16.27 21.34 -32.20
CA ALA A 64 -17.23 21.70 -33.27
C ALA A 64 -16.70 21.54 -34.71
N GLN A 65 -15.41 21.81 -34.92
CA GLN A 65 -14.79 21.67 -36.26
C GLN A 65 -14.11 20.31 -36.55
N MET A 66 -14.34 19.29 -35.69
CA MET A 66 -13.79 17.93 -35.86
C MET A 66 -14.80 16.98 -36.50
N SER A 67 -14.32 16.01 -37.30
CA SER A 67 -15.20 14.97 -37.89
C SER A 67 -15.12 13.66 -37.11
N VAL A 68 -16.12 12.80 -37.30
CA VAL A 68 -16.21 11.51 -36.56
C VAL A 68 -15.04 10.60 -36.97
N GLY A 69 -14.35 10.06 -35.97
CA GLY A 69 -13.11 9.29 -36.16
C GLY A 69 -11.81 10.09 -36.09
N GLN A 70 -11.90 11.42 -36.15
CA GLN A 70 -10.72 12.31 -36.13
C GLN A 70 -10.11 12.35 -34.74
N ARG A 71 -8.78 12.40 -34.69
CA ARG A 71 -8.00 12.60 -33.45
C ARG A 71 -7.14 13.85 -33.65
N ALA A 72 -7.20 14.77 -32.69
CA ALA A 72 -6.59 16.09 -32.84
C ALA A 72 -5.97 16.63 -31.55
N LYS A 73 -4.97 17.51 -31.72
CA LYS A 73 -4.28 18.20 -30.65
C LYS A 73 -4.90 19.61 -30.57
N LEU A 74 -5.60 19.88 -29.45
CA LEU A 74 -6.24 21.18 -29.18
C LEU A 74 -5.35 21.96 -28.21
N THR A 75 -4.57 22.91 -28.74
CA THR A 75 -3.78 23.87 -27.94
C THR A 75 -4.69 25.06 -27.63
N ILE A 76 -4.98 25.29 -26.35
CA ILE A 76 -6.01 26.26 -25.92
C ILE A 76 -5.38 27.36 -25.06
N SER A 77 -5.56 28.61 -25.49
CA SER A 77 -5.20 29.82 -24.74
C SER A 77 -5.89 29.89 -23.34
N PRO A 78 -5.23 30.53 -22.34
CA PRO A 78 -5.85 30.59 -21.01
C PRO A 78 -7.20 31.31 -20.94
N ASP A 79 -7.39 32.39 -21.70
CA ASP A 79 -8.72 33.04 -21.84
C ASP A 79 -9.79 32.19 -22.56
N TYR A 80 -9.37 31.18 -23.35
CA TYR A 80 -10.27 30.13 -23.91
C TYR A 80 -10.40 28.85 -23.05
N ALA A 81 -9.70 28.80 -21.91
CA ALA A 81 -9.79 27.72 -20.94
C ALA A 81 -10.29 28.30 -19.59
N TYR A 82 -9.47 28.32 -18.55
CA TYR A 82 -9.88 28.70 -17.18
C TYR A 82 -9.38 30.09 -16.71
N GLY A 83 -8.52 30.75 -17.49
CA GLY A 83 -8.24 32.17 -17.33
C GLY A 83 -7.46 32.49 -16.07
N ALA A 84 -7.76 33.67 -15.51
CA ALA A 84 -7.07 34.17 -14.32
C ALA A 84 -7.36 33.36 -13.04
N THR A 85 -8.60 32.92 -12.88
CA THR A 85 -9.00 32.10 -11.71
C THR A 85 -8.38 30.70 -11.74
N GLY A 86 -8.28 30.11 -12.93
CA GLY A 86 -7.88 28.72 -13.09
C GLY A 86 -8.97 27.78 -12.59
N HIS A 87 -8.59 26.52 -12.37
CA HIS A 87 -9.43 25.54 -11.70
C HIS A 87 -8.65 25.07 -10.45
N PRO A 88 -8.95 25.66 -9.26
CA PRO A 88 -8.10 25.53 -8.07
C PRO A 88 -7.71 24.10 -7.71
N GLY A 89 -6.39 23.88 -7.59
CA GLY A 89 -5.81 22.57 -7.30
C GLY A 89 -5.59 21.59 -8.45
N ILE A 90 -5.91 22.01 -9.68
CA ILE A 90 -5.65 21.22 -10.90
C ILE A 90 -4.96 22.10 -11.96
N ILE A 91 -5.66 23.17 -12.39
CA ILE A 91 -5.17 24.10 -13.41
C ILE A 91 -4.86 25.45 -12.73
N PRO A 92 -3.60 25.90 -12.79
CA PRO A 92 -3.29 27.21 -12.21
C PRO A 92 -3.75 28.38 -13.10
N PRO A 93 -3.66 29.63 -12.59
CA PRO A 93 -3.88 30.85 -13.38
C PRO A 93 -3.07 30.95 -14.67
N HIS A 94 -3.68 31.51 -15.71
CA HIS A 94 -2.99 31.87 -16.98
C HIS A 94 -2.28 30.69 -17.66
N ALA A 95 -2.96 29.54 -17.65
CA ALA A 95 -2.44 28.26 -18.11
C ALA A 95 -2.88 27.96 -19.54
N THR A 96 -1.90 27.78 -20.44
CA THR A 96 -2.17 27.22 -21.77
C THR A 96 -2.32 25.71 -21.60
N LEU A 97 -3.45 25.18 -22.07
CA LEU A 97 -3.76 23.75 -22.02
C LEU A 97 -3.67 23.07 -23.39
N VAL A 98 -3.35 21.78 -23.37
CA VAL A 98 -3.25 20.93 -24.55
C VAL A 98 -4.10 19.69 -24.31
N PHE A 99 -5.10 19.47 -25.17
CA PHE A 99 -5.94 18.28 -25.16
C PHE A 99 -5.69 17.44 -26.41
N ASP A 100 -5.30 16.18 -26.22
CA ASP A 100 -5.33 15.15 -27.28
C ASP A 100 -6.74 14.57 -27.16
N VAL A 101 -7.60 14.85 -28.14
CA VAL A 101 -9.03 14.45 -28.13
C VAL A 101 -9.35 13.65 -29.42
N GLU A 102 -10.13 12.57 -29.28
CA GLU A 102 -10.63 11.75 -30.40
C GLU A 102 -12.15 11.73 -30.39
N LEU A 103 -12.78 12.18 -31.47
CA LEU A 103 -14.24 12.15 -31.62
C LEU A 103 -14.68 10.75 -32.09
N LEU A 104 -15.16 9.94 -31.15
CA LEU A 104 -15.47 8.53 -31.40
C LEU A 104 -16.75 8.36 -32.20
N LYS A 105 -17.84 8.93 -31.68
CA LYS A 105 -19.14 8.93 -32.36
C LYS A 105 -20.07 10.02 -31.82
N LEU A 106 -21.21 10.22 -32.48
CA LEU A 106 -22.30 11.10 -32.02
C LEU A 106 -23.56 10.28 -31.66
N GLU A 107 -24.32 10.70 -30.65
CA GLU A 107 -25.56 10.03 -30.21
C GLU A 107 -26.73 11.01 -30.14
N GLY B 1 -43.81 22.54 -12.01
CA GLY B 1 -42.45 21.94 -12.01
C GLY B 1 -41.68 22.06 -10.72
N VAL B 2 -42.33 21.73 -9.58
CA VAL B 2 -41.65 21.60 -8.27
C VAL B 2 -41.08 20.19 -8.23
N ALA B 3 -39.79 20.09 -7.92
CA ALA B 3 -39.11 18.80 -7.91
C ALA B 3 -39.51 18.04 -6.64
N ILE B 4 -40.36 17.02 -6.82
CA ILE B 4 -40.91 16.21 -5.74
C ILE B 4 -40.28 14.83 -5.72
N LEU B 5 -40.13 14.18 -6.88
CA LEU B 5 -39.50 12.83 -6.93
C LEU B 5 -37.98 12.92 -6.79
N TRP B 6 -37.36 11.84 -6.33
CA TRP B 6 -35.92 11.85 -6.08
C TRP B 6 -35.04 12.11 -7.31
N HIS B 7 -35.38 11.49 -8.44
CA HIS B 7 -34.65 11.73 -9.68
C HIS B 7 -34.77 13.20 -10.16
N GLU B 8 -35.94 13.81 -9.95
CA GLU B 8 -36.13 15.24 -10.25
C GLU B 8 -35.30 16.13 -9.33
N MET B 9 -35.31 15.81 -8.03
CA MET B 9 -34.54 16.56 -7.03
C MET B 9 -33.03 16.49 -7.25
N TRP B 10 -32.53 15.27 -7.48
CA TRP B 10 -31.10 15.06 -7.75
C TRP B 10 -30.66 15.68 -9.06
N HIS B 11 -31.49 15.61 -10.10
CA HIS B 11 -31.15 16.21 -11.38
C HIS B 11 -30.95 17.73 -11.24
N GLU B 12 -31.89 18.43 -10.61
CA GLU B 12 -31.77 19.91 -10.47
C GLU B 12 -30.68 20.26 -9.44
N GLY B 13 -30.52 19.43 -8.42
CA GLY B 13 -29.48 19.62 -7.39
C GLY B 13 -28.05 19.50 -7.88
N LEU B 14 -27.79 18.43 -8.61
CA LEU B 14 -26.49 18.20 -9.22
C LEU B 14 -26.12 19.25 -10.28
N GLU B 15 -27.11 19.67 -11.05
CA GLU B 15 -26.92 20.78 -12.00
C GLU B 15 -26.45 22.06 -11.28
N GLU B 16 -27.18 22.44 -10.25
CA GLU B 16 -26.91 23.64 -9.45
C GLU B 16 -25.58 23.56 -8.68
N ALA B 17 -25.34 22.42 -8.02
CA ALA B 17 -24.09 22.18 -7.30
C ALA B 17 -22.85 22.24 -8.21
N SER B 18 -22.95 21.66 -9.41
CA SER B 18 -21.87 21.73 -10.41
C SER B 18 -21.64 23.14 -10.95
N ARG B 19 -22.73 23.86 -11.15
CA ARG B 19 -22.67 25.28 -11.57
C ARG B 19 -21.93 26.10 -10.52
N LEU B 20 -22.26 25.88 -9.24
CA LEU B 20 -21.58 26.56 -8.14
C LEU B 20 -20.08 26.22 -8.07
N TYR B 21 -19.75 24.93 -8.10
CA TYR B 21 -18.35 24.50 -7.97
C TYR B 21 -17.53 24.74 -9.23
N PHE B 22 -17.94 24.17 -10.36
CA PHE B 22 -17.18 24.32 -11.61
C PHE B 22 -17.29 25.69 -12.25
N GLY B 23 -18.48 26.27 -12.23
CA GLY B 23 -18.69 27.61 -12.80
C GLY B 23 -18.15 28.76 -11.96
N GLU B 24 -18.40 28.69 -10.65
CA GLU B 24 -18.12 29.81 -9.71
C GLU B 24 -17.07 29.54 -8.59
N ARG B 25 -16.49 28.34 -8.56
CA ARG B 25 -15.49 27.90 -7.54
C ARG B 25 -15.98 27.91 -6.08
N ASN B 26 -17.28 27.70 -5.91
CA ASN B 26 -17.99 27.88 -4.63
C ASN B 26 -18.23 26.50 -4.02
N VAL B 27 -17.20 25.99 -3.34
CA VAL B 27 -17.21 24.68 -2.68
C VAL B 27 -18.27 24.65 -1.58
N LYS B 28 -18.36 25.73 -0.79
CA LYS B 28 -19.30 25.82 0.31
C LYS B 28 -20.73 25.71 -0.21
N GLY B 29 -21.04 26.50 -1.22
CA GLY B 29 -22.34 26.50 -1.89
C GLY B 29 -22.71 25.16 -2.51
N MET B 30 -21.72 24.52 -3.13
CA MET B 30 -21.87 23.16 -3.68
C MET B 30 -22.34 22.22 -2.58
N PHE B 31 -21.63 22.21 -1.45
CA PHE B 31 -22.01 21.36 -0.32
C PHE B 31 -23.38 21.69 0.28
N GLU B 32 -23.73 22.98 0.34
CA GLU B 32 -25.04 23.42 0.82
C GLU B 32 -26.23 22.90 -0.01
N VAL B 33 -26.01 22.66 -1.31
CA VAL B 33 -26.98 22.04 -2.19
C VAL B 33 -27.00 20.51 -1.96
N LEU B 34 -25.81 19.90 -1.90
CA LEU B 34 -25.67 18.42 -1.84
C LEU B 34 -25.98 17.78 -0.49
N GLU B 35 -25.48 18.37 0.61
CA GLU B 35 -25.63 17.77 1.94
C GLU B 35 -27.10 17.41 2.28
N PRO B 36 -28.06 18.34 2.06
CA PRO B 36 -29.49 18.03 2.29
C PRO B 36 -30.06 16.85 1.47
N LEU B 37 -29.62 16.74 0.22
CA LEU B 37 -30.03 15.63 -0.66
C LEU B 37 -29.52 14.27 -0.18
N HIS B 38 -28.26 14.21 0.24
CA HIS B 38 -27.73 13.01 0.90
C HIS B 38 -28.45 12.68 2.21
N ALA B 39 -28.77 13.69 3.00
CA ALA B 39 -29.52 13.51 4.26
C ALA B 39 -30.92 12.94 4.01
N MET B 40 -31.58 13.42 2.96
CA MET B 40 -32.87 12.87 2.48
C MET B 40 -32.79 11.35 2.19
N MET B 41 -31.70 10.94 1.54
CA MET B 41 -31.43 9.51 1.25
C MET B 41 -31.21 8.74 2.54
N GLU B 42 -30.37 9.29 3.42
CA GLU B 42 -30.06 8.72 4.74
C GLU B 42 -31.28 8.57 5.65
N ARG B 43 -32.33 9.38 5.46
CA ARG B 43 -33.63 9.14 6.12
C ARG B 43 -34.31 7.85 5.66
N GLY B 44 -34.03 7.45 4.42
CA GLY B 44 -34.47 6.18 3.83
C GLY B 44 -35.59 6.44 2.84
N PRO B 45 -35.80 5.50 1.88
CA PRO B 45 -36.92 5.67 0.93
C PRO B 45 -38.27 5.38 1.60
N GLN B 46 -39.25 6.23 1.30
N GLN B 46 -39.26 6.24 1.33
CA GLN B 46 -40.61 6.13 1.83
CA GLN B 46 -40.63 6.13 1.84
C GLN B 46 -41.64 5.62 0.82
C GLN B 46 -41.64 5.59 0.81
N THR B 47 -41.48 5.98 -0.45
CA THR B 47 -42.32 5.50 -1.56
C THR B 47 -41.64 4.40 -2.38
N LEU B 48 -42.42 3.72 -3.20
CA LEU B 48 -41.89 2.73 -4.15
C LEU B 48 -40.90 3.33 -5.15
N LYS B 49 -41.21 4.50 -5.67
CA LYS B 49 -40.33 5.19 -6.65
C LYS B 49 -38.98 5.59 -6.02
N GLU B 50 -39.05 6.04 -4.77
CA GLU B 50 -37.84 6.32 -3.97
C GLU B 50 -37.02 5.06 -3.76
N THR B 51 -37.69 3.96 -3.42
CA THR B 51 -37.05 2.65 -3.26
C THR B 51 -36.30 2.19 -4.53
N SER B 52 -36.94 2.33 -5.69
CA SER B 52 -36.30 1.90 -6.95
C SER B 52 -35.15 2.82 -7.36
N PHE B 53 -35.31 4.13 -7.10
CA PHE B 53 -34.22 5.10 -7.27
C PHE B 53 -33.02 4.70 -6.42
N ASN B 54 -33.30 4.45 -5.14
CA ASN B 54 -32.29 4.05 -4.17
C ASN B 54 -31.55 2.77 -4.56
N GLN B 55 -32.29 1.80 -5.08
CA GLN B 55 -31.69 0.56 -5.60
C GLN B 55 -30.80 0.79 -6.84
N ALA B 56 -31.18 1.71 -7.71
CA ALA B 56 -30.42 2.03 -8.92
C ALA B 56 -29.19 2.89 -8.63
N TYR B 57 -29.37 3.96 -7.87
CA TYR B 57 -28.37 5.03 -7.71
C TYR B 57 -27.83 5.29 -6.31
N GLY B 58 -28.38 4.61 -5.29
CA GLY B 58 -28.02 4.84 -3.90
C GLY B 58 -26.54 4.59 -3.58
N ARG B 59 -26.03 3.43 -3.99
CA ARG B 59 -24.61 3.06 -3.79
C ARG B 59 -23.65 4.08 -4.43
N ASP B 60 -23.95 4.50 -5.68
CA ASP B 60 -23.12 5.50 -6.40
C ASP B 60 -23.12 6.86 -5.71
N LEU B 61 -24.30 7.31 -5.29
CA LEU B 61 -24.44 8.56 -4.56
C LEU B 61 -23.75 8.49 -3.18
N MET B 62 -23.91 7.37 -2.48
CA MET B 62 -23.25 7.17 -1.17
C MET B 62 -21.73 7.26 -1.27
N GLU B 63 -21.18 6.66 -2.34
CA GLU B 63 -19.75 6.69 -2.63
C GLU B 63 -19.28 8.10 -2.99
N ALA B 64 -20.07 8.84 -3.77
CA ALA B 64 -19.77 10.27 -4.07
C ALA B 64 -19.66 11.12 -2.80
N GLN B 65 -20.56 10.89 -1.84
CA GLN B 65 -20.49 11.51 -0.51
C GLN B 65 -19.21 11.14 0.24
N GLU B 66 -18.80 9.87 0.17
CA GLU B 66 -17.54 9.42 0.80
C GLU B 66 -16.30 10.13 0.21
N TRP B 67 -16.31 10.38 -1.11
CA TRP B 67 -15.24 11.14 -1.77
C TRP B 67 -15.22 12.60 -1.34
N CYS B 68 -16.40 13.20 -1.25
CA CYS B 68 -16.57 14.54 -0.70
C CYS B 68 -16.08 14.66 0.75
N ARG B 69 -16.39 13.65 1.56
CA ARG B 69 -15.92 13.58 2.96
C ARG B 69 -14.44 13.29 3.09
N LYS B 70 -13.88 12.57 2.11
CA LYS B 70 -12.43 12.46 1.95
C LYS B 70 -11.80 13.85 1.71
N TYR B 71 -12.42 14.64 0.81
CA TYR B 71 -11.98 16.04 0.55
C TYR B 71 -12.00 16.91 1.80
N MET B 72 -13.06 16.81 2.60
CA MET B 72 -13.21 17.57 3.85
C MET B 72 -12.03 17.40 4.81
N LYS B 73 -11.46 16.19 4.86
CA LYS B 73 -10.26 15.88 5.68
C LYS B 73 -8.95 16.18 4.95
N SER B 74 -8.83 15.72 3.71
CA SER B 74 -7.58 15.85 2.91
C SER B 74 -7.29 17.24 2.35
N GLY B 75 -8.34 17.96 1.96
CA GLY B 75 -8.21 19.19 1.19
C GLY B 75 -7.74 19.02 -0.24
N ASN B 76 -7.77 17.79 -0.75
CA ASN B 76 -7.23 17.44 -2.06
C ASN B 76 -8.38 17.44 -3.05
N VAL B 77 -8.42 18.47 -3.91
CA VAL B 77 -9.47 18.67 -4.92
C VAL B 77 -9.73 17.47 -5.87
N LYS B 78 -8.69 16.69 -6.13
CA LYS B 78 -8.78 15.39 -6.85
C LYS B 78 -9.87 14.47 -6.25
N ASP B 79 -10.07 14.51 -4.93
CA ASP B 79 -11.17 13.80 -4.27
C ASP B 79 -12.55 14.35 -4.66
N LEU B 80 -12.71 15.67 -4.81
CA LEU B 80 -13.96 16.24 -5.39
C LEU B 80 -14.17 15.87 -6.86
N THR B 81 -13.08 15.80 -7.61
CA THR B 81 -13.14 15.35 -9.00
C THR B 81 -13.67 13.90 -9.10
N GLN B 82 -13.21 13.01 -8.20
CA GLN B 82 -13.75 11.64 -8.09
C GLN B 82 -15.23 11.60 -7.83
N ALA B 83 -15.66 12.39 -6.85
CA ALA B 83 -17.08 12.56 -6.52
C ALA B 83 -17.91 13.00 -7.71
N TRP B 84 -17.40 14.02 -8.43
CA TRP B 84 -18.12 14.52 -9.61
C TRP B 84 -18.18 13.55 -10.81
N ASP B 85 -17.18 12.69 -10.93
CA ASP B 85 -17.26 11.58 -11.87
C ASP B 85 -18.47 10.68 -11.58
N LEU B 86 -18.66 10.33 -10.30
CA LEU B 86 -19.80 9.52 -9.86
C LEU B 86 -21.14 10.26 -9.98
N TYR B 87 -21.17 11.52 -9.55
CA TYR B 87 -22.36 12.36 -9.70
C TYR B 87 -22.78 12.55 -11.18
N TYR B 88 -21.81 12.73 -12.08
CA TYR B 88 -22.10 12.88 -13.51
C TYR B 88 -22.73 11.62 -14.10
N HIS B 89 -22.19 10.46 -13.71
CA HIS B 89 -22.74 9.15 -14.12
C HIS B 89 -24.22 9.00 -13.72
N VAL B 90 -24.54 9.36 -12.48
CA VAL B 90 -25.93 9.40 -12.00
C VAL B 90 -26.75 10.40 -12.82
N PHE B 91 -26.23 11.61 -12.99
CA PHE B 91 -26.92 12.69 -13.71
C PHE B 91 -27.32 12.33 -15.14
N ARG B 92 -26.42 11.68 -15.87
CA ARG B 92 -26.71 11.22 -17.22
C ARG B 92 -27.80 10.15 -17.24
N ARG B 93 -27.73 9.20 -16.30
CA ARG B 93 -28.71 8.10 -16.23
C ARG B 93 -30.12 8.52 -15.82
N ILE B 94 -30.26 9.61 -15.06
CA ILE B 94 -31.56 10.19 -14.66
C ILE B 94 -32.05 11.35 -15.55
N SER B 95 -31.21 11.84 -16.47
CA SER B 95 -31.59 12.85 -17.47
C SER B 95 -32.62 12.30 -18.44
N GLY C 1 12.18 3.91 -28.04
CA GLY C 1 11.44 4.54 -26.90
C GLY C 1 10.80 3.55 -25.96
N VAL C 2 9.76 4.03 -25.26
CA VAL C 2 8.88 3.20 -24.40
C VAL C 2 7.45 3.34 -24.93
N GLN C 3 6.75 2.22 -24.98
CA GLN C 3 5.35 2.13 -25.39
C GLN C 3 4.53 1.73 -24.17
N VAL C 4 3.53 2.53 -23.82
CA VAL C 4 2.61 2.24 -22.69
C VAL C 4 1.28 1.77 -23.29
N GLU C 5 0.83 0.58 -22.89
CA GLU C 5 -0.47 0.02 -23.25
C GLU C 5 -1.19 -0.36 -21.97
N THR C 6 -2.37 0.21 -21.74
CA THR C 6 -3.15 -0.05 -20.52
C THR C 6 -3.73 -1.48 -20.55
N ILE C 7 -3.48 -2.21 -19.46
CA ILE C 7 -4.08 -3.53 -19.21
C ILE C 7 -5.38 -3.30 -18.42
N SER C 8 -5.24 -2.65 -17.26
CA SER C 8 -6.32 -2.35 -16.31
C SER C 8 -6.30 -0.85 -16.02
N PRO C 9 -7.47 -0.18 -16.04
CA PRO C 9 -7.48 1.29 -15.88
C PRO C 9 -7.22 1.76 -14.45
N GLY C 10 -6.58 2.93 -14.32
CA GLY C 10 -6.49 3.66 -13.05
C GLY C 10 -7.56 4.74 -13.00
N ASP C 11 -7.38 5.71 -12.11
CA ASP C 11 -8.33 6.84 -12.01
C ASP C 11 -8.24 7.90 -13.14
N GLY C 12 -7.16 7.87 -13.93
CA GLY C 12 -6.90 8.84 -14.99
C GLY C 12 -6.69 10.28 -14.56
N ARG C 13 -6.20 10.47 -13.33
CA ARG C 13 -6.20 11.78 -12.65
C ARG C 13 -5.01 12.02 -11.72
N THR C 14 -4.73 11.04 -10.86
CA THR C 14 -3.59 11.03 -9.95
C THR C 14 -2.36 10.52 -10.69
N PHE C 15 -1.59 11.45 -11.26
CA PHE C 15 -0.30 11.13 -11.90
C PHE C 15 0.86 11.45 -10.98
N PRO C 16 1.97 10.67 -11.07
CA PRO C 16 3.11 10.96 -10.20
C PRO C 16 3.84 12.24 -10.60
N LYS C 17 3.89 13.20 -9.68
CA LYS C 17 4.79 14.35 -9.76
C LYS C 17 6.21 13.92 -9.32
N ARG C 18 7.22 14.63 -9.80
CA ARG C 18 8.62 14.45 -9.33
C ARG C 18 8.73 14.91 -7.88
N GLY C 19 9.47 14.13 -7.08
CA GLY C 19 9.48 14.25 -5.61
C GLY C 19 8.82 13.07 -4.94
N GLN C 20 7.68 12.63 -5.48
CA GLN C 20 6.92 11.50 -4.94
C GLN C 20 7.58 10.15 -5.23
N THR C 21 7.45 9.26 -4.25
CA THR C 21 7.84 7.88 -4.37
C THR C 21 6.69 7.10 -5.01
N CYS C 22 6.96 6.42 -6.13
CA CYS C 22 5.99 5.49 -6.74
C CYS C 22 6.15 4.15 -6.08
N VAL C 23 5.04 3.60 -5.57
CA VAL C 23 4.97 2.24 -5.04
C VAL C 23 4.31 1.40 -6.12
N VAL C 24 5.04 0.43 -6.67
CA VAL C 24 4.55 -0.39 -7.79
C VAL C 24 4.69 -1.87 -7.53
N HIS C 25 3.85 -2.66 -8.21
CA HIS C 25 4.15 -4.10 -8.46
C HIS C 25 4.56 -4.19 -9.91
N TYR C 26 5.66 -4.90 -10.19
CA TYR C 26 6.10 -5.17 -11.55
C TYR C 26 6.43 -6.64 -11.81
N THR C 27 6.45 -6.97 -13.09
CA THR C 27 6.91 -8.28 -13.60
C THR C 27 7.69 -7.97 -14.89
N GLY C 28 9.00 -8.19 -14.85
CA GLY C 28 9.92 -7.91 -15.95
C GLY C 28 10.23 -9.19 -16.72
N MET C 29 10.15 -9.09 -18.05
CA MET C 29 10.50 -10.19 -18.95
C MET C 29 11.17 -9.71 -20.24
N LEU C 30 11.89 -10.63 -20.89
CA LEU C 30 12.52 -10.36 -22.17
C LEU C 30 11.46 -10.38 -23.28
N GLU C 31 11.85 -9.98 -24.49
CA GLU C 31 10.90 -9.85 -25.61
C GLU C 31 10.21 -11.18 -25.98
N ASP C 32 10.91 -12.31 -25.87
CA ASP C 32 10.33 -13.66 -26.03
C ASP C 32 9.25 -14.06 -25.00
N GLY C 33 9.28 -13.44 -23.82
CA GLY C 33 8.31 -13.67 -22.74
C GLY C 33 8.89 -14.15 -21.41
N LYS C 34 10.13 -14.69 -21.42
CA LYS C 34 10.76 -15.27 -20.22
C LYS C 34 11.00 -14.24 -19.12
N LYS C 35 10.46 -14.51 -17.93
CA LYS C 35 10.58 -13.65 -16.76
C LYS C 35 12.02 -13.63 -16.24
N PHE C 36 12.48 -12.44 -15.86
CA PHE C 36 13.73 -12.26 -15.10
C PHE C 36 13.57 -11.69 -13.69
N ASP C 37 12.51 -10.92 -13.44
CA ASP C 37 12.21 -10.40 -12.08
C ASP C 37 10.71 -10.12 -11.92
N SER C 38 10.19 -10.33 -10.70
CA SER C 38 8.81 -10.00 -10.37
C SER C 38 8.64 -9.71 -8.87
N SER C 39 8.22 -8.49 -8.55
CA SER C 39 7.85 -8.11 -7.20
C SER C 39 6.59 -8.84 -6.72
N ARG C 40 5.66 -9.17 -7.63
CA ARG C 40 4.45 -9.95 -7.28
C ARG C 40 4.74 -11.34 -6.73
N ASP C 41 5.68 -12.05 -7.36
CA ASP C 41 6.14 -13.35 -6.89
C ASP C 41 6.73 -13.32 -5.47
N ARG C 42 7.38 -12.21 -5.09
CA ARG C 42 7.86 -11.97 -3.71
C ARG C 42 6.79 -11.48 -2.72
N ASN C 43 5.70 -10.92 -3.25
CA ASN C 43 4.60 -10.33 -2.50
C ASN C 43 5.04 -9.09 -1.70
N LYS C 44 5.94 -8.32 -2.33
CA LYS C 44 6.58 -7.17 -1.72
C LYS C 44 6.72 -6.11 -2.83
N PRO C 45 5.93 -5.00 -2.76
CA PRO C 45 6.04 -3.99 -3.82
C PRO C 45 7.38 -3.25 -3.88
N PHE C 46 7.66 -2.65 -5.02
CA PHE C 46 8.90 -1.92 -5.32
C PHE C 46 8.63 -0.43 -5.17
N LYS C 47 9.35 0.23 -4.27
CA LYS C 47 9.27 1.70 -4.10
C LYS C 47 10.48 2.34 -4.79
N PHE C 48 10.27 3.43 -5.53
CA PHE C 48 11.36 4.26 -6.08
C PHE C 48 10.89 5.70 -6.32
N MET C 49 11.82 6.65 -6.29
CA MET C 49 11.52 8.07 -6.56
C MET C 49 11.70 8.32 -8.06
N LEU C 50 10.76 9.08 -8.62
CA LEU C 50 10.70 9.34 -10.05
C LEU C 50 11.54 10.55 -10.42
N GLY C 51 12.03 10.55 -11.65
CA GLY C 51 12.87 11.63 -12.21
C GLY C 51 14.25 11.89 -11.61
N LYS C 52 14.78 10.94 -10.84
CA LYS C 52 16.10 11.07 -10.18
C LYS C 52 17.20 10.25 -10.89
N GLN C 53 16.91 9.73 -12.10
CA GLN C 53 17.70 8.70 -12.79
C GLN C 53 17.90 7.39 -11.97
N GLU C 54 16.97 7.10 -11.05
CA GLU C 54 17.05 5.91 -10.19
C GLU C 54 16.84 4.63 -11.03
N VAL C 55 15.95 4.69 -12.02
CA VAL C 55 15.58 3.57 -12.88
C VAL C 55 15.90 3.87 -14.34
N ILE C 56 15.84 2.82 -15.15
CA ILE C 56 16.00 2.89 -16.61
C ILE C 56 14.99 3.86 -17.25
N ARG C 57 15.42 4.47 -18.34
CA ARG C 57 14.67 5.54 -19.02
C ARG C 57 13.23 5.19 -19.40
N GLY C 58 12.99 3.93 -19.79
CA GLY C 58 11.64 3.44 -20.14
C GLY C 58 10.66 3.52 -18.98
N TRP C 59 11.13 3.19 -17.77
CA TRP C 59 10.38 3.42 -16.54
C TRP C 59 10.21 4.88 -16.20
N GLU C 60 11.29 5.65 -16.31
CA GLU C 60 11.27 7.08 -15.95
C GLU C 60 10.19 7.84 -16.77
N GLU C 61 10.12 7.56 -18.07
CA GLU C 61 9.12 8.13 -18.99
C GLU C 61 7.76 7.39 -19.00
N GLY C 62 7.78 6.07 -18.80
CA GLY C 62 6.57 5.23 -18.86
C GLY C 62 5.70 5.28 -17.63
N VAL C 63 6.30 5.11 -16.45
CA VAL C 63 5.58 5.15 -15.17
C VAL C 63 5.04 6.57 -14.92
N ALA C 64 5.80 7.60 -15.33
CA ALA C 64 5.35 9.00 -15.26
C ALA C 64 3.99 9.28 -15.90
N GLN C 65 3.67 8.57 -16.99
CA GLN C 65 2.38 8.73 -17.69
C GLN C 65 1.25 7.77 -17.23
N MET C 66 1.44 7.07 -16.10
CA MET C 66 0.43 6.18 -15.51
C MET C 66 -0.28 6.86 -14.34
N SER C 67 -1.57 6.53 -14.18
CA SER C 67 -2.36 6.99 -13.04
C SER C 67 -2.42 5.95 -11.92
N VAL C 68 -2.76 6.40 -10.71
CA VAL C 68 -2.81 5.52 -9.53
C VAL C 68 -3.94 4.50 -9.72
N GLY C 69 -3.60 3.22 -9.50
CA GLY C 69 -4.48 2.09 -9.77
C GLY C 69 -4.34 1.47 -11.14
N GLN C 70 -3.68 2.15 -12.09
CA GLN C 70 -3.51 1.67 -13.47
C GLN C 70 -2.50 0.56 -13.52
N ARG C 71 -2.74 -0.42 -14.39
CA ARG C 71 -1.80 -1.50 -14.70
C ARG C 71 -1.51 -1.44 -16.20
N ALA C 72 -0.22 -1.45 -16.57
CA ALA C 72 0.20 -1.19 -17.94
C ALA C 72 1.37 -2.04 -18.37
N LYS C 73 1.43 -2.27 -19.69
CA LYS C 73 2.48 -3.04 -20.35
C LYS C 73 3.46 -2.03 -20.94
N LEU C 74 4.68 -1.99 -20.37
CA LEU C 74 5.75 -1.10 -20.81
C LEU C 74 6.71 -1.89 -21.70
N THR C 75 6.61 -1.73 -23.02
CA THR C 75 7.58 -2.30 -23.97
C THR C 75 8.69 -1.27 -24.17
N ILE C 76 9.91 -1.62 -23.79
CA ILE C 76 11.03 -0.68 -23.69
C ILE C 76 12.16 -1.09 -24.65
N SER C 77 12.53 -0.18 -25.55
CA SER C 77 13.69 -0.33 -26.46
C SER C 77 15.03 -0.50 -25.69
N PRO C 78 16.03 -1.21 -26.27
CA PRO C 78 17.30 -1.41 -25.54
C PRO C 78 18.07 -0.12 -25.20
N ASP C 79 18.04 0.87 -26.09
CA ASP C 79 18.58 2.23 -25.77
C ASP C 79 17.82 3.00 -24.67
N TYR C 80 16.56 2.64 -24.43
CA TYR C 80 15.76 3.11 -23.26
C TYR C 80 15.82 2.20 -22.02
N ALA C 81 16.55 1.08 -22.09
CA ALA C 81 16.73 0.12 -20.99
C ALA C 81 18.24 -0.06 -20.72
N TYR C 82 18.85 -1.21 -21.02
CA TYR C 82 20.27 -1.50 -20.63
C TYR C 82 21.30 -1.46 -21.78
N GLY C 83 20.83 -1.28 -23.01
CA GLY C 83 21.69 -0.99 -24.15
C GLY C 83 22.61 -2.13 -24.55
N ALA C 84 23.80 -1.77 -25.01
CA ALA C 84 24.80 -2.74 -25.49
C ALA C 84 25.38 -3.61 -24.39
N THR C 85 25.63 -3.01 -23.22
CA THR C 85 26.20 -3.75 -22.08
C THR C 85 25.23 -4.76 -21.49
N GLY C 86 23.94 -4.40 -21.44
CA GLY C 86 22.95 -5.19 -20.73
C GLY C 86 23.20 -5.16 -19.24
N HIS C 87 22.80 -6.24 -18.56
CA HIS C 87 23.06 -6.46 -17.14
C HIS C 87 23.60 -7.90 -17.01
N PRO C 88 24.95 -8.08 -16.93
CA PRO C 88 25.60 -9.41 -17.00
C PRO C 88 24.98 -10.47 -16.10
N GLY C 89 24.60 -11.60 -16.71
CA GLY C 89 23.94 -12.70 -16.03
C GLY C 89 22.42 -12.65 -15.89
N ILE C 90 21.77 -11.57 -16.34
CA ILE C 90 20.29 -11.40 -16.28
C ILE C 90 19.75 -10.89 -17.63
N ILE C 91 20.16 -9.69 -18.02
CA ILE C 91 19.71 -9.03 -19.26
C ILE C 91 20.84 -9.08 -20.29
N PRO C 92 20.62 -9.76 -21.44
CA PRO C 92 21.69 -9.77 -22.46
C PRO C 92 21.79 -8.44 -23.24
N PRO C 93 22.87 -8.28 -24.04
CA PRO C 93 23.02 -7.13 -24.93
C PRO C 93 21.84 -6.87 -25.89
N HIS C 94 21.55 -5.60 -26.11
CA HIS C 94 20.53 -5.14 -27.07
C HIS C 94 19.15 -5.75 -26.91
N ALA C 95 18.74 -5.84 -25.64
CA ALA C 95 17.50 -6.51 -25.22
C ALA C 95 16.35 -5.52 -25.12
N THR C 96 15.33 -5.73 -25.94
CA THR C 96 14.02 -5.10 -25.76
C THR C 96 13.33 -5.79 -24.57
N LEU C 97 12.91 -5.00 -23.58
CA LEU C 97 12.26 -5.49 -22.35
C LEU C 97 10.78 -5.14 -22.30
N VAL C 98 10.00 -6.01 -21.65
CA VAL C 98 8.56 -5.81 -21.40
C VAL C 98 8.34 -5.91 -19.90
N PHE C 99 7.84 -4.83 -19.31
CA PHE C 99 7.43 -4.81 -17.90
C PHE C 99 5.91 -4.65 -17.80
N ASP C 100 5.27 -5.61 -17.13
CA ASP C 100 3.90 -5.48 -16.62
C ASP C 100 4.07 -4.77 -15.28
N VAL C 101 3.61 -3.52 -15.18
CA VAL C 101 3.76 -2.67 -13.97
C VAL C 101 2.38 -2.13 -13.54
N GLU C 102 2.12 -2.13 -12.22
CA GLU C 102 0.90 -1.54 -11.62
C GLU C 102 1.31 -0.45 -10.64
N LEU C 103 0.80 0.77 -10.85
CA LEU C 103 1.02 1.87 -9.91
C LEU C 103 0.01 1.78 -8.75
N LEU C 104 0.46 1.23 -7.61
CA LEU C 104 -0.41 0.94 -6.47
C LEU C 104 -0.82 2.22 -5.74
N LYS C 105 0.18 3.00 -5.33
CA LYS C 105 -0.02 4.25 -4.59
C LYS C 105 1.21 5.14 -4.67
N LEU C 106 1.07 6.37 -4.16
CA LEU C 106 2.13 7.40 -4.15
C LEU C 106 2.34 7.88 -2.71
N GLU C 107 3.61 8.04 -2.32
CA GLU C 107 4.02 8.32 -0.92
C GLU C 107 4.87 9.59 -0.81
N GLY D 1 30.27 16.33 3.31
CA GLY D 1 31.42 16.14 4.23
C GLY D 1 31.79 14.68 4.49
N VAL D 2 32.52 14.48 5.60
CA VAL D 2 32.99 13.17 6.01
C VAL D 2 31.88 12.51 6.81
N ALA D 3 31.56 11.28 6.45
CA ALA D 3 30.53 10.49 7.10
C ALA D 3 31.09 10.00 8.43
N ILE D 4 30.49 10.47 9.53
CA ILE D 4 30.95 10.16 10.89
C ILE D 4 30.17 9.01 11.54
N LEU D 5 28.85 9.06 11.47
CA LEU D 5 28.00 8.00 12.06
C LEU D 5 27.92 6.79 11.14
N TRP D 6 27.53 5.64 11.68
CA TRP D 6 27.30 4.41 10.90
C TRP D 6 26.24 4.56 9.80
N HIS D 7 25.12 5.21 10.10
CA HIS D 7 24.07 5.41 9.09
C HIS D 7 24.56 6.34 7.96
N GLU D 8 25.39 7.33 8.31
CA GLU D 8 26.02 8.21 7.31
C GLU D 8 27.01 7.45 6.42
N MET D 9 27.83 6.62 7.03
CA MET D 9 28.81 5.79 6.31
C MET D 9 28.14 4.78 5.38
N TRP D 10 27.13 4.06 5.90
CA TRP D 10 26.35 3.11 5.10
C TRP D 10 25.58 3.76 3.97
N HIS D 11 24.99 4.93 4.22
CA HIS D 11 24.22 5.64 3.19
C HIS D 11 25.10 5.99 2.00
N GLU D 12 26.25 6.63 2.26
CA GLU D 12 27.16 7.00 1.17
C GLU D 12 27.85 5.77 0.55
N GLY D 13 28.10 4.74 1.36
CA GLY D 13 28.71 3.52 0.90
C GLY D 13 27.85 2.67 -0.01
N LEU D 14 26.60 2.43 0.39
CA LEU D 14 25.63 1.69 -0.43
C LEU D 14 25.29 2.42 -1.73
N GLU D 15 25.19 3.76 -1.67
CA GLU D 15 25.03 4.57 -2.88
C GLU D 15 26.17 4.34 -3.87
N GLU D 16 27.40 4.44 -3.37
CA GLU D 16 28.62 4.28 -4.19
C GLU D 16 28.78 2.83 -4.68
N ALA D 17 28.58 1.85 -3.79
CA ALA D 17 28.63 0.43 -4.15
C ALA D 17 27.63 0.06 -5.26
N SER D 18 26.41 0.58 -5.18
CA SER D 18 25.39 0.36 -6.21
C SER D 18 25.73 1.03 -7.52
N ARG D 19 26.29 2.24 -7.43
CA ARG D 19 26.79 2.96 -8.61
C ARG D 19 27.89 2.17 -9.30
N LEU D 20 28.83 1.63 -8.53
CA LEU D 20 29.91 0.78 -9.08
C LEU D 20 29.36 -0.49 -9.74
N TYR D 21 28.49 -1.22 -9.05
CA TYR D 21 27.96 -2.50 -9.56
C TYR D 21 26.93 -2.32 -10.66
N PHE D 22 25.84 -1.61 -10.38
CA PHE D 22 24.75 -1.43 -11.36
C PHE D 22 25.11 -0.49 -12.49
N GLY D 23 25.81 0.60 -12.18
CA GLY D 23 26.19 1.60 -13.17
C GLY D 23 27.37 1.18 -14.01
N GLU D 24 28.47 0.80 -13.35
CA GLU D 24 29.76 0.51 -13.98
C GLU D 24 30.15 -0.98 -14.12
N ARG D 25 29.38 -1.89 -13.51
CA ARG D 25 29.64 -3.35 -13.51
C ARG D 25 30.97 -3.79 -12.90
N ASN D 26 31.36 -3.07 -11.85
CA ASN D 26 32.59 -3.28 -11.10
C ASN D 26 32.25 -3.95 -9.75
N VAL D 27 32.17 -5.27 -9.79
CA VAL D 27 31.87 -6.11 -8.61
C VAL D 27 32.99 -6.00 -7.56
N LYS D 28 34.24 -5.98 -8.03
CA LYS D 28 35.41 -5.89 -7.15
C LYS D 28 35.37 -4.60 -6.35
N GLY D 29 35.14 -3.49 -7.05
CA GLY D 29 35.00 -2.17 -6.45
C GLY D 29 33.84 -2.07 -5.48
N MET D 30 32.71 -2.69 -5.84
CA MET D 30 31.53 -2.80 -4.96
C MET D 30 31.96 -3.41 -3.64
N PHE D 31 32.62 -4.55 -3.67
CA PHE D 31 33.09 -5.22 -2.44
C PHE D 31 34.10 -4.40 -1.65
N GLU D 32 35.00 -3.72 -2.34
CA GLU D 32 35.98 -2.84 -1.67
C GLU D 32 35.37 -1.69 -0.87
N VAL D 33 34.20 -1.20 -1.27
CA VAL D 33 33.48 -0.19 -0.44
C VAL D 33 32.70 -0.86 0.70
N LEU D 34 32.05 -2.00 0.40
CA LEU D 34 31.22 -2.73 1.37
C LEU D 34 31.97 -3.48 2.49
N GLU D 35 33.04 -4.20 2.13
CA GLU D 35 33.75 -5.05 3.10
C GLU D 35 34.17 -4.28 4.38
N PRO D 36 34.78 -3.07 4.24
CA PRO D 36 35.12 -2.21 5.40
C PRO D 36 33.95 -1.80 6.28
N LEU D 37 32.79 -1.54 5.67
CA LEU D 37 31.57 -1.17 6.40
C LEU D 37 31.02 -2.31 7.24
N HIS D 38 31.01 -3.53 6.71
CA HIS D 38 30.68 -4.71 7.56
C HIS D 38 31.74 -4.91 8.66
N ALA D 39 33.01 -4.77 8.30
CA ALA D 39 34.13 -5.02 9.23
C ALA D 39 34.14 -4.04 10.41
N MET D 40 33.82 -2.79 10.13
CA MET D 40 33.54 -1.72 11.10
C MET D 40 32.62 -2.14 12.25
N MET D 41 31.54 -2.83 11.91
CA MET D 41 30.53 -3.27 12.87
C MET D 41 30.91 -4.53 13.70
N GLU D 42 31.86 -5.33 13.19
CA GLU D 42 32.26 -6.61 13.82
C GLU D 42 32.79 -6.49 15.25
N ARG D 43 33.35 -5.33 15.62
CA ARG D 43 33.67 -5.06 17.06
C ARG D 43 32.43 -5.00 17.97
N GLY D 44 31.29 -4.65 17.38
CA GLY D 44 29.98 -4.63 18.03
C GLY D 44 29.59 -3.19 18.35
N PRO D 45 28.29 -2.95 18.65
CA PRO D 45 27.86 -1.58 18.96
C PRO D 45 28.31 -1.15 20.37
N GLN D 46 28.87 0.05 20.43
CA GLN D 46 29.48 0.59 21.67
C GLN D 46 28.72 1.77 22.26
N THR D 47 28.15 2.63 21.41
CA THR D 47 27.29 3.75 21.78
C THR D 47 25.80 3.40 21.63
N LEU D 48 24.93 4.26 22.17
CA LEU D 48 23.48 4.12 22.03
C LEU D 48 23.01 4.11 20.57
N LYS D 49 23.56 5.04 19.77
CA LYS D 49 23.18 5.14 18.37
C LYS D 49 23.64 3.92 17.57
N GLU D 50 24.82 3.42 17.88
CA GLU D 50 25.33 2.18 17.29
C GLU D 50 24.45 0.98 17.63
N THR D 51 24.05 0.90 18.91
CA THR D 51 23.17 -0.18 19.39
C THR D 51 21.82 -0.17 18.66
N SER D 52 21.20 1.00 18.51
CA SER D 52 19.90 1.08 17.84
C SER D 52 20.01 0.80 16.34
N PHE D 53 21.10 1.27 15.71
CA PHE D 53 21.40 0.92 14.32
C PHE D 53 21.53 -0.59 14.15
N ASN D 54 22.34 -1.17 15.02
CA ASN D 54 22.60 -2.62 15.00
C ASN D 54 21.33 -3.44 15.20
N GLN D 55 20.48 -3.00 16.11
CA GLN D 55 19.19 -3.60 16.38
C GLN D 55 18.22 -3.50 15.19
N ALA D 56 18.24 -2.39 14.46
CA ALA D 56 17.34 -2.17 13.33
C ALA D 56 17.81 -2.89 12.09
N TYR D 57 19.10 -2.73 11.76
CA TYR D 57 19.65 -3.12 10.47
C TYR D 57 20.73 -4.21 10.49
N GLY D 58 21.20 -4.62 11.68
CA GLY D 58 22.34 -5.55 11.82
C GLY D 58 22.12 -6.91 11.18
N ARG D 59 20.98 -7.53 11.51
CA ARG D 59 20.60 -8.83 10.93
C ARG D 59 20.50 -8.79 9.39
N ASP D 60 19.87 -7.74 8.85
CA ASP D 60 19.74 -7.55 7.39
C ASP D 60 21.09 -7.35 6.69
N LEU D 61 21.93 -6.52 7.29
CA LEU D 61 23.28 -6.30 6.75
C LEU D 61 24.13 -7.56 6.83
N MET D 62 24.06 -8.28 7.96
CA MET D 62 24.80 -9.55 8.11
C MET D 62 24.41 -10.58 7.05
N GLU D 63 23.10 -10.65 6.77
CA GLU D 63 22.54 -11.53 5.75
C GLU D 63 22.98 -11.12 4.35
N ALA D 64 22.99 -9.83 4.06
CA ALA D 64 23.48 -9.30 2.79
C ALA D 64 24.93 -9.68 2.50
N GLN D 65 25.78 -9.62 3.54
CA GLN D 65 27.17 -10.08 3.45
C GLN D 65 27.26 -11.57 3.15
N GLU D 66 26.42 -12.39 3.79
CA GLU D 66 26.38 -13.84 3.52
C GLU D 66 25.99 -14.14 2.06
N TRP D 67 25.08 -13.35 1.49
CA TRP D 67 24.70 -13.47 0.07
C TRP D 67 25.85 -13.08 -0.86
N CYS D 68 26.56 -12.01 -0.52
CA CYS D 68 27.79 -11.61 -1.22
C CYS D 68 28.87 -12.69 -1.19
N ARG D 69 29.04 -13.31 -0.03
CA ARG D 69 29.98 -14.43 0.12
C ARG D 69 29.52 -15.71 -0.57
N LYS D 70 28.21 -15.91 -0.66
CA LYS D 70 27.63 -16.94 -1.53
C LYS D 70 28.01 -16.69 -2.99
N TYR D 71 27.91 -15.43 -3.45
CA TYR D 71 28.32 -15.04 -4.81
C TYR D 71 29.79 -15.34 -5.10
N MET D 72 30.66 -15.02 -4.14
CA MET D 72 32.11 -15.31 -4.23
C MET D 72 32.44 -16.77 -4.57
N LYS D 73 31.66 -17.70 -4.01
CA LYS D 73 31.80 -19.15 -4.29
C LYS D 73 31.00 -19.60 -5.52
N SER D 74 29.74 -19.19 -5.62
CA SER D 74 28.81 -19.65 -6.69
C SER D 74 29.03 -18.98 -8.06
N GLY D 75 29.38 -17.69 -8.04
CA GLY D 75 29.39 -16.86 -9.25
C GLY D 75 28.02 -16.55 -9.83
N ASN D 76 26.96 -16.77 -9.06
CA ASN D 76 25.58 -16.68 -9.52
C ASN D 76 25.05 -15.29 -9.15
N VAL D 77 24.86 -14.44 -10.17
CA VAL D 77 24.38 -13.03 -9.99
C VAL D 77 23.09 -12.86 -9.19
N LYS D 78 22.20 -13.87 -9.28
CA LYS D 78 21.01 -13.99 -8.43
C LYS D 78 21.32 -13.80 -6.93
N ASP D 79 22.46 -14.31 -6.47
CA ASP D 79 22.94 -14.13 -5.10
C ASP D 79 23.28 -12.66 -4.78
N LEU D 80 23.90 -11.92 -5.72
CA LEU D 80 24.10 -10.46 -5.55
C LEU D 80 22.80 -9.68 -5.57
N THR D 81 21.86 -10.09 -6.40
CA THR D 81 20.54 -9.47 -6.44
C THR D 81 19.81 -9.64 -5.09
N GLN D 82 19.91 -10.83 -4.45
CA GLN D 82 19.40 -11.05 -3.07
C GLN D 82 20.00 -10.07 -2.07
N ALA D 83 21.32 -9.94 -2.11
CA ALA D 83 22.07 -9.01 -1.28
C ALA D 83 21.59 -7.58 -1.47
N TRP D 84 21.45 -7.17 -2.73
CA TRP D 84 20.98 -5.82 -3.05
C TRP D 84 19.54 -5.51 -2.66
N ASP D 85 18.68 -6.52 -2.65
CA ASP D 85 17.34 -6.38 -2.08
C ASP D 85 17.41 -6.00 -0.61
N LEU D 86 18.28 -6.68 0.15
CA LEU D 86 18.51 -6.40 1.58
C LEU D 86 19.17 -5.05 1.82
N TYR D 87 20.21 -4.75 1.05
CA TYR D 87 20.86 -3.45 1.10
C TYR D 87 19.91 -2.28 0.77
N TYR D 88 19.03 -2.47 -0.23
CA TYR D 88 18.05 -1.44 -0.62
C TYR D 88 17.09 -1.14 0.51
N HIS D 89 16.61 -2.20 1.18
CA HIS D 89 15.70 -2.05 2.32
C HIS D 89 16.31 -1.24 3.45
N VAL D 90 17.57 -1.53 3.77
CA VAL D 90 18.33 -0.73 4.75
C VAL D 90 18.51 0.71 4.25
N PHE D 91 18.93 0.86 2.99
CA PHE D 91 19.19 2.19 2.38
C PHE D 91 17.98 3.13 2.43
N ARG D 92 16.80 2.59 2.12
CA ARG D 92 15.56 3.39 2.20
C ARG D 92 15.24 3.82 3.62
N ARG D 93 15.40 2.88 4.57
CA ARG D 93 15.07 3.17 6.00
C ARG D 93 16.04 4.17 6.69
N ILE D 94 17.29 4.25 6.22
CA ILE D 94 18.29 5.24 6.71
C ILE D 94 18.39 6.53 5.89
N SER D 95 17.75 6.56 4.71
CA SER D 95 17.63 7.80 3.90
C SER D 95 16.78 8.85 4.61
N GLY E 1 -12.28 -33.73 23.57
CA GLY E 1 -10.84 -33.66 23.99
C GLY E 1 -9.95 -33.11 22.90
N VAL E 2 -8.76 -33.71 22.75
CA VAL E 2 -7.83 -33.40 21.66
C VAL E 2 -7.45 -34.69 20.93
N GLN E 3 -7.43 -34.63 19.59
CA GLN E 3 -7.02 -35.74 18.73
C GLN E 3 -5.72 -35.32 18.05
N VAL E 4 -4.65 -36.09 18.25
CA VAL E 4 -3.36 -35.89 17.58
C VAL E 4 -3.26 -36.90 16.42
N GLU E 5 -3.04 -36.38 15.20
CA GLU E 5 -2.85 -37.20 14.00
C GLU E 5 -1.59 -36.73 13.31
N THR E 6 -0.62 -37.63 13.16
CA THR E 6 0.70 -37.29 12.59
C THR E 6 0.58 -37.04 11.08
N ILE E 7 1.14 -35.93 10.63
CA ILE E 7 1.28 -35.58 9.21
C ILE E 7 2.64 -36.11 8.74
N SER E 8 3.71 -35.64 9.40
CA SER E 8 5.10 -36.04 9.12
C SER E 8 5.75 -36.43 10.45
N PRO E 9 6.40 -37.62 10.50
CA PRO E 9 6.88 -38.13 11.79
C PRO E 9 8.12 -37.39 12.33
N GLY E 10 8.26 -37.36 13.66
CA GLY E 10 9.48 -36.86 14.32
C GLY E 10 10.47 -37.99 14.54
N ASP E 11 11.41 -37.76 15.45
CA ASP E 11 12.31 -38.84 15.91
C ASP E 11 11.68 -39.91 16.82
N GLY E 12 10.49 -39.62 17.37
CA GLY E 12 9.79 -40.53 18.27
C GLY E 12 10.47 -40.77 19.62
N ARG E 13 11.27 -39.80 20.06
CA ARG E 13 12.21 -39.97 21.17
C ARG E 13 12.39 -38.72 22.03
N THR E 14 12.66 -37.59 21.39
CA THR E 14 12.82 -36.30 22.04
C THR E 14 11.44 -35.65 22.23
N PHE E 15 10.80 -35.92 23.37
CA PHE E 15 9.52 -35.29 23.76
C PHE E 15 9.78 -34.11 24.71
N PRO E 16 8.87 -33.11 24.76
CA PRO E 16 9.07 -31.99 25.70
C PRO E 16 8.87 -32.41 27.16
N LYS E 17 9.96 -32.29 27.93
CA LYS E 17 9.98 -32.50 29.36
C LYS E 17 9.57 -31.22 30.08
N ARG E 18 9.19 -31.31 31.36
CA ARG E 18 8.84 -30.14 32.18
C ARG E 18 10.07 -29.27 32.42
N GLY E 19 9.89 -27.95 32.29
CA GLY E 19 10.99 -26.98 32.25
C GLY E 19 11.26 -26.39 30.86
N GLN E 20 11.16 -27.21 29.84
CA GLN E 20 11.60 -26.85 28.48
C GLN E 20 10.65 -25.90 27.75
N THR E 21 11.22 -25.02 26.92
CA THR E 21 10.47 -24.21 25.95
C THR E 21 10.31 -25.05 24.70
N CYS E 22 9.05 -25.22 24.25
CA CYS E 22 8.77 -25.77 22.91
C CYS E 22 8.86 -24.65 21.90
N VAL E 23 9.67 -24.85 20.86
CA VAL E 23 9.74 -23.95 19.70
C VAL E 23 8.93 -24.62 18.61
N VAL E 24 7.83 -23.98 18.17
CA VAL E 24 6.94 -24.56 17.14
C VAL E 24 6.67 -23.60 16.01
N HIS E 25 6.29 -24.15 14.86
CA HIS E 25 5.53 -23.42 13.84
C HIS E 25 4.13 -24.00 13.87
N TYR E 26 3.11 -23.14 13.88
CA TYR E 26 1.71 -23.58 13.79
C TYR E 26 0.93 -22.82 12.72
N THR E 27 -0.20 -23.41 12.33
CA THR E 27 -1.24 -22.77 11.53
C THR E 27 -2.58 -23.24 12.12
N GLY E 28 -3.33 -22.28 12.64
CA GLY E 28 -4.64 -22.49 13.24
C GLY E 28 -5.78 -22.16 12.28
N MET E 29 -6.78 -23.04 12.24
CA MET E 29 -7.99 -22.84 11.42
C MET E 29 -9.23 -23.44 12.09
N LEU E 30 -10.38 -22.91 11.68
CA LEU E 30 -11.68 -23.36 12.21
C LEU E 30 -12.04 -24.69 11.55
N GLU E 31 -13.07 -25.35 12.06
CA GLU E 31 -13.44 -26.70 11.59
C GLU E 31 -13.78 -26.79 10.08
N ASP E 32 -14.42 -25.73 9.56
CA ASP E 32 -14.67 -25.60 8.09
C ASP E 32 -13.42 -25.48 7.19
N GLY E 33 -12.29 -25.04 7.75
CA GLY E 33 -11.02 -24.92 7.04
C GLY E 33 -10.38 -23.54 7.08
N LYS E 34 -11.18 -22.48 7.31
CA LYS E 34 -10.71 -21.08 7.22
C LYS E 34 -9.62 -20.75 8.25
N LYS E 35 -8.47 -20.28 7.76
CA LYS E 35 -7.31 -19.93 8.61
C LYS E 35 -7.61 -18.68 9.41
N PHE E 36 -7.24 -18.72 10.70
CA PHE E 36 -7.27 -17.52 11.55
C PHE E 36 -5.92 -17.01 12.01
N ASP E 37 -4.92 -17.88 12.14
CA ASP E 37 -3.59 -17.51 12.62
C ASP E 37 -2.54 -18.50 12.13
N SER E 38 -1.34 -17.98 11.87
CA SER E 38 -0.18 -18.78 11.53
C SER E 38 1.11 -18.09 11.94
N SER E 39 1.92 -18.78 12.72
CA SER E 39 3.27 -18.32 13.08
C SER E 39 4.23 -18.18 11.87
N ARG E 40 4.01 -19.01 10.84
CA ARG E 40 4.68 -18.89 9.53
C ARG E 40 4.41 -17.56 8.83
N ASP E 41 3.17 -17.06 8.90
CA ASP E 41 2.83 -15.70 8.39
C ASP E 41 3.70 -14.56 8.97
N ARG E 42 4.06 -14.69 10.24
CA ARG E 42 5.00 -13.80 10.93
C ARG E 42 6.50 -14.13 10.73
N ASN E 43 6.80 -15.34 10.26
CA ASN E 43 8.18 -15.76 9.83
C ASN E 43 9.14 -15.86 11.03
N LYS E 44 8.56 -16.30 12.14
CA LYS E 44 9.15 -16.23 13.49
C LYS E 44 8.46 -17.35 14.28
N PRO E 45 9.19 -18.42 14.68
CA PRO E 45 8.53 -19.52 15.42
C PRO E 45 7.98 -19.09 16.78
N PHE E 46 6.95 -19.82 17.21
CA PHE E 46 6.23 -19.57 18.46
C PHE E 46 6.89 -20.38 19.58
N LYS E 47 7.44 -19.68 20.57
CA LYS E 47 8.06 -20.26 21.73
C LYS E 47 7.09 -20.17 22.90
N PHE E 48 6.94 -21.28 23.62
CA PHE E 48 6.15 -21.30 24.86
C PHE E 48 6.62 -22.43 25.78
N MET E 49 6.41 -22.23 27.08
CA MET E 49 6.69 -23.25 28.07
C MET E 49 5.41 -24.04 28.32
N LEU E 50 5.58 -25.34 28.44
CA LEU E 50 4.50 -26.28 28.56
C LEU E 50 4.16 -26.51 30.04
N GLY E 51 2.94 -26.95 30.28
CA GLY E 51 2.43 -27.26 31.63
C GLY E 51 2.26 -26.13 32.63
N LYS E 52 2.27 -24.88 32.18
CA LYS E 52 2.08 -23.68 33.04
C LYS E 52 0.66 -23.06 32.85
N GLN E 53 -0.24 -23.76 32.13
CA GLN E 53 -1.52 -23.22 31.65
C GLN E 53 -1.38 -21.98 30.74
N GLU E 54 -0.22 -21.82 30.07
CA GLU E 54 0.04 -20.67 29.19
C GLU E 54 -0.88 -20.68 27.97
N VAL E 55 -1.16 -21.86 27.43
CA VAL E 55 -1.98 -22.07 26.21
C VAL E 55 -3.24 -22.89 26.51
N ILE E 56 -4.14 -22.97 25.51
CA ILE E 56 -5.37 -23.80 25.62
C ILE E 56 -5.06 -25.27 25.88
N ARG E 57 -6.00 -25.94 26.56
CA ARG E 57 -5.84 -27.34 27.00
C ARG E 57 -5.49 -28.35 25.89
N GLY E 58 -6.02 -28.12 24.68
CA GLY E 58 -5.69 -28.94 23.51
C GLY E 58 -4.22 -28.97 23.16
N TRP E 59 -3.58 -27.80 23.23
CA TRP E 59 -2.12 -27.68 23.12
C TRP E 59 -1.38 -28.28 24.30
N GLU E 60 -1.86 -28.00 25.51
CA GLU E 60 -1.21 -28.46 26.73
C GLU E 60 -1.07 -30.00 26.76
N GLU E 61 -2.14 -30.70 26.35
CA GLU E 61 -2.16 -32.17 26.23
C GLU E 61 -1.61 -32.71 24.90
N GLY E 62 -1.86 -31.98 23.80
CA GLY E 62 -1.49 -32.41 22.45
C GLY E 62 -0.02 -32.28 22.09
N VAL E 63 0.53 -31.10 22.34
CA VAL E 63 1.93 -30.80 22.00
C VAL E 63 2.86 -31.58 22.95
N ALA E 64 2.44 -31.79 24.20
CA ALA E 64 3.14 -32.68 25.17
C ALA E 64 3.50 -34.07 24.65
N GLN E 65 2.62 -34.64 23.82
CA GLN E 65 2.84 -35.95 23.22
C GLN E 65 3.46 -35.96 21.80
N MET E 66 4.06 -34.83 21.38
CA MET E 66 4.78 -34.72 20.09
C MET E 66 6.30 -34.82 20.27
N SER E 67 6.98 -35.38 19.28
CA SER E 67 8.46 -35.47 19.28
C SER E 67 9.09 -34.41 18.39
N VAL E 68 10.38 -34.13 18.58
CA VAL E 68 11.10 -33.09 17.82
C VAL E 68 11.19 -33.53 16.35
N GLY E 69 10.83 -32.61 15.46
CA GLY E 69 10.69 -32.90 14.02
C GLY E 69 9.32 -33.36 13.56
N GLN E 70 8.42 -33.72 14.50
CA GLN E 70 7.07 -34.18 14.19
C GLN E 70 6.22 -33.00 13.75
N ARG E 71 5.37 -33.27 12.75
CA ARG E 71 4.34 -32.36 12.30
C ARG E 71 2.99 -33.07 12.45
N ALA E 72 2.03 -32.42 13.12
CA ALA E 72 0.77 -33.09 13.54
C ALA E 72 -0.44 -32.18 13.48
N LYS E 73 -1.61 -32.79 13.27
CA LYS E 73 -2.90 -32.12 13.15
C LYS E 73 -3.60 -32.32 14.50
N LEU E 74 -3.81 -31.21 15.22
CA LEU E 74 -4.48 -31.22 16.53
C LEU E 74 -5.91 -30.72 16.34
N THR E 75 -6.86 -31.66 16.36
CA THR E 75 -8.30 -31.36 16.36
C THR E 75 -8.72 -31.20 17.82
N ILE E 76 -9.19 -30.00 18.17
CA ILE E 76 -9.45 -29.62 19.57
C ILE E 76 -10.92 -29.27 19.76
N SER E 77 -11.57 -29.98 20.68
CA SER E 77 -12.94 -29.69 21.15
C SER E 77 -13.09 -28.26 21.74
N PRO E 78 -14.28 -27.62 21.65
CA PRO E 78 -14.41 -26.26 22.20
C PRO E 78 -14.17 -26.14 23.72
N ASP E 79 -14.58 -27.14 24.51
CA ASP E 79 -14.23 -27.19 25.95
C ASP E 79 -12.72 -27.40 26.25
N TYR E 80 -11.96 -27.91 25.28
CA TYR E 80 -10.48 -27.96 25.31
C TYR E 80 -9.78 -26.77 24.62
N ALA E 81 -10.55 -25.82 24.07
CA ALA E 81 -10.06 -24.62 23.37
C ALA E 81 -10.63 -23.38 24.09
N TYR E 82 -11.53 -22.59 23.47
CA TYR E 82 -12.03 -21.34 24.06
C TYR E 82 -13.49 -21.34 24.58
N GLY E 83 -14.21 -22.45 24.36
CA GLY E 83 -15.50 -22.71 24.98
C GLY E 83 -16.60 -21.76 24.53
N ALA E 84 -17.45 -21.38 25.48
CA ALA E 84 -18.60 -20.51 25.21
C ALA E 84 -18.20 -19.07 24.86
N THR E 85 -17.18 -18.54 25.55
CA THR E 85 -16.73 -17.15 25.31
C THR E 85 -16.05 -16.97 23.95
N GLY E 86 -15.27 -17.98 23.54
CA GLY E 86 -14.43 -17.88 22.35
C GLY E 86 -13.28 -16.90 22.60
N HIS E 87 -12.77 -16.34 21.50
CA HIS E 87 -11.75 -15.30 21.53
C HIS E 87 -12.25 -14.15 20.63
N PRO E 88 -12.80 -13.07 21.25
CA PRO E 88 -13.48 -11.99 20.52
C PRO E 88 -12.73 -11.44 19.32
N GLY E 89 -13.41 -11.45 18.18
CA GLY E 89 -12.86 -10.98 16.90
C GLY E 89 -12.13 -12.01 16.06
N ILE E 90 -11.89 -13.24 16.57
CA ILE E 90 -11.11 -14.29 15.87
C ILE E 90 -11.83 -15.63 15.93
N ILE E 91 -12.02 -16.16 17.14
CA ILE E 91 -12.64 -17.47 17.38
C ILE E 91 -14.05 -17.24 17.95
N PRO E 92 -15.10 -17.72 17.24
CA PRO E 92 -16.44 -17.57 17.78
C PRO E 92 -16.74 -18.57 18.93
N PRO E 93 -17.89 -18.40 19.62
CA PRO E 93 -18.39 -19.38 20.60
C PRO E 93 -18.52 -20.81 20.08
N HIS E 94 -18.23 -21.79 20.95
CA HIS E 94 -18.42 -23.23 20.70
C HIS E 94 -17.71 -23.73 19.43
N ALA E 95 -16.48 -23.25 19.22
CA ALA E 95 -15.70 -23.50 18.00
C ALA E 95 -14.72 -24.64 18.22
N THR E 96 -14.86 -25.71 17.43
CA THR E 96 -13.85 -26.75 17.29
C THR E 96 -12.71 -26.18 16.44
N LEU E 97 -11.48 -26.28 16.96
CA LEU E 97 -10.27 -25.77 16.28
C LEU E 97 -9.37 -26.89 15.77
N VAL E 98 -8.65 -26.59 14.69
CA VAL E 98 -7.71 -27.50 14.04
C VAL E 98 -6.37 -26.76 13.89
N PHE E 99 -5.32 -27.25 14.54
CA PHE E 99 -3.96 -26.69 14.43
C PHE E 99 -3.04 -27.69 13.74
N ASP E 100 -2.43 -27.27 12.63
CA ASP E 100 -1.25 -27.95 12.06
C ASP E 100 -0.07 -27.32 12.75
N VAL E 101 0.62 -28.13 13.55
CA VAL E 101 1.74 -27.68 14.41
C VAL E 101 2.96 -28.58 14.12
N GLU E 102 4.15 -27.96 14.06
CA GLU E 102 5.44 -28.64 13.87
C GLU E 102 6.37 -28.33 15.05
N LEU E 103 6.82 -29.36 15.77
CA LEU E 103 7.76 -29.16 16.89
C LEU E 103 9.20 -29.09 16.34
N LEU E 104 9.72 -27.88 16.23
CA LEU E 104 10.99 -27.62 15.57
C LEU E 104 12.17 -28.04 16.43
N LYS E 105 12.20 -27.51 17.65
CA LYS E 105 13.25 -27.83 18.63
C LYS E 105 12.79 -27.55 20.05
N LEU E 106 13.65 -27.92 21.00
CA LEU E 106 13.43 -27.68 22.43
C LEU E 106 14.64 -26.92 23.00
N GLU E 107 14.36 -25.91 23.84
CA GLU E 107 15.37 -25.04 24.46
C GLU E 107 15.20 -25.08 25.98
N GLY F 1 9.57 -5.46 47.10
CA GLY F 1 9.49 -3.99 46.97
C GLY F 1 8.63 -3.47 45.82
N VAL F 2 8.63 -2.15 45.70
CA VAL F 2 7.97 -1.41 44.62
C VAL F 2 8.82 -1.50 43.35
N ALA F 3 8.18 -1.75 42.20
CA ALA F 3 8.88 -1.81 40.93
C ALA F 3 9.34 -0.41 40.49
N ILE F 4 10.64 -0.14 40.64
CA ILE F 4 11.30 1.11 40.21
C ILE F 4 12.02 0.91 38.85
N LEU F 5 12.64 -0.26 38.64
CA LEU F 5 13.37 -0.55 37.40
C LEU F 5 12.37 -0.89 36.30
N TRP F 6 12.74 -0.47 35.10
CA TRP F 6 11.83 -0.57 33.95
C TRP F 6 11.45 -1.99 33.57
N HIS F 7 12.41 -2.90 33.59
CA HIS F 7 12.13 -4.32 33.33
C HIS F 7 11.15 -4.92 34.35
N GLU F 8 11.24 -4.52 35.62
CA GLU F 8 10.26 -4.93 36.63
C GLU F 8 8.88 -4.34 36.37
N MET F 9 8.84 -3.05 36.05
CA MET F 9 7.57 -2.35 35.74
C MET F 9 6.84 -2.94 34.50
N TRP F 10 7.59 -3.14 33.43
CA TRP F 10 7.06 -3.74 32.20
C TRP F 10 6.64 -5.19 32.38
N HIS F 11 7.42 -5.96 33.13
CA HIS F 11 7.09 -7.37 33.39
C HIS F 11 5.74 -7.49 34.09
N GLU F 12 5.55 -6.76 35.18
CA GLU F 12 4.30 -6.85 35.95
C GLU F 12 3.14 -6.18 35.22
N GLY F 13 3.44 -5.13 34.43
CA GLY F 13 2.46 -4.50 33.55
C GLY F 13 1.91 -5.38 32.43
N LEU F 14 2.82 -6.02 31.70
CA LEU F 14 2.45 -6.93 30.61
C LEU F 14 1.72 -8.19 31.10
N GLU F 15 2.12 -8.69 32.25
CA GLU F 15 1.43 -9.81 32.91
C GLU F 15 -0.03 -9.45 33.20
N GLU F 16 -0.24 -8.30 33.84
CA GLU F 16 -1.57 -7.78 34.17
C GLU F 16 -2.39 -7.42 32.90
N ALA F 17 -1.77 -6.74 31.95
CA ALA F 17 -2.41 -6.38 30.68
C ALA F 17 -2.90 -7.60 29.88
N SER F 18 -2.08 -8.65 29.83
CA SER F 18 -2.45 -9.91 29.15
C SER F 18 -3.56 -10.64 29.89
N ARG F 19 -3.51 -10.62 31.23
CA ARG F 19 -4.57 -11.20 32.06
C ARG F 19 -5.91 -10.50 31.79
N LEU F 20 -5.88 -9.16 31.71
CA LEU F 20 -7.09 -8.38 31.40
C LEU F 20 -7.62 -8.69 30.00
N TYR F 21 -6.75 -8.65 28.99
CA TYR F 21 -7.18 -8.85 27.59
C TYR F 21 -7.51 -10.32 27.28
N PHE F 22 -6.57 -11.23 27.49
CA PHE F 22 -6.78 -12.65 27.16
C PHE F 22 -7.67 -13.36 28.17
N GLY F 23 -7.47 -13.12 29.46
CA GLY F 23 -8.23 -13.78 30.51
C GLY F 23 -9.65 -13.25 30.69
N GLU F 24 -9.81 -11.92 30.63
CA GLU F 24 -11.10 -11.24 30.90
C GLU F 24 -11.74 -10.48 29.71
N ARG F 25 -11.10 -10.49 28.53
CA ARG F 25 -11.60 -9.80 27.30
C ARG F 25 -11.83 -8.27 27.44
N ASN F 26 -10.96 -7.66 28.25
CA ASN F 26 -11.10 -6.28 28.70
C ASN F 26 -9.98 -5.45 28.04
N VAL F 27 -10.27 -5.00 26.83
CA VAL F 27 -9.34 -4.19 26.01
C VAL F 27 -9.08 -2.84 26.67
N LYS F 28 -10.13 -2.22 27.23
CA LYS F 28 -10.02 -0.93 27.92
C LYS F 28 -9.03 -1.03 29.08
N GLY F 29 -9.23 -2.03 29.92
CA GLY F 29 -8.34 -2.34 31.04
C GLY F 29 -6.89 -2.60 30.67
N MET F 30 -6.72 -3.35 29.57
CA MET F 30 -5.39 -3.60 28.97
C MET F 30 -4.70 -2.27 28.70
N PHE F 31 -5.38 -1.39 27.98
CA PHE F 31 -4.79 -0.11 27.60
C PHE F 31 -4.52 0.80 28.81
N GLU F 32 -5.40 0.77 29.82
CA GLU F 32 -5.19 1.54 31.06
C GLU F 32 -3.92 1.17 31.84
N VAL F 33 -3.49 -0.10 31.74
CA VAL F 33 -2.21 -0.56 32.30
C VAL F 33 -1.05 -0.13 31.40
N LEU F 34 -1.18 -0.33 30.09
CA LEU F 34 -0.09 -0.11 29.13
C LEU F 34 0.21 1.35 28.78
N GLU F 35 -0.83 2.16 28.55
CA GLU F 35 -0.64 3.56 28.10
C GLU F 35 0.36 4.34 28.98
N PRO F 36 0.19 4.30 30.33
CA PRO F 36 1.13 4.97 31.24
C PRO F 36 2.60 4.52 31.14
N LEU F 37 2.80 3.21 30.93
CA LEU F 37 4.14 2.65 30.75
C LEU F 37 4.81 3.13 29.46
N HIS F 38 4.09 3.18 28.35
CA HIS F 38 4.58 3.81 27.12
C HIS F 38 4.86 5.31 27.29
N ALA F 39 4.00 6.03 28.02
CA ALA F 39 4.22 7.47 28.30
C ALA F 39 5.50 7.71 29.10
N MET F 40 5.76 6.85 30.09
CA MET F 40 7.03 6.82 30.83
C MET F 40 8.25 6.70 29.92
N MET F 41 8.16 5.81 28.94
CA MET F 41 9.22 5.62 27.95
C MET F 41 9.43 6.86 27.08
N GLU F 42 8.33 7.43 26.59
CA GLU F 42 8.37 8.68 25.79
C GLU F 42 9.04 9.86 26.54
N ARG F 43 8.90 9.90 27.86
CA ARG F 43 9.58 10.89 28.68
C ARG F 43 11.11 10.67 28.71
N GLY F 44 11.54 9.41 28.54
CA GLY F 44 12.94 9.07 28.28
C GLY F 44 13.63 8.54 29.52
N PRO F 45 14.76 7.82 29.33
CA PRO F 45 15.40 7.18 30.46
C PRO F 45 16.30 8.11 31.27
N GLN F 46 16.29 7.98 32.61
N GLN F 46 16.32 7.89 32.58
CA GLN F 46 17.15 8.79 33.53
CA GLN F 46 17.00 8.73 33.58
C GLN F 46 18.37 8.06 34.05
C GLN F 46 18.19 8.08 34.29
N THR F 47 18.25 6.75 34.29
CA THR F 47 19.36 5.91 34.81
C THR F 47 19.98 5.05 33.70
N LEU F 48 21.15 4.47 33.99
CA LEU F 48 21.82 3.52 33.09
C LEU F 48 20.93 2.31 32.75
N LYS F 49 20.28 1.74 33.76
CA LYS F 49 19.41 0.59 33.57
C LYS F 49 18.20 0.90 32.70
N GLU F 50 17.63 2.07 32.89
CA GLU F 50 16.52 2.56 32.03
C GLU F 50 16.99 2.75 30.60
N THR F 51 18.17 3.34 30.45
CA THR F 51 18.79 3.56 29.13
C THR F 51 19.04 2.25 28.39
N SER F 52 19.57 1.24 29.09
CA SER F 52 19.87 -0.09 28.50
C SER F 52 18.58 -0.82 28.15
N PHE F 53 17.56 -0.69 29.00
CA PHE F 53 16.23 -1.20 28.70
C PHE F 53 15.69 -0.58 27.42
N ASN F 54 15.75 0.74 27.38
CA ASN F 54 15.29 1.52 26.24
C ASN F 54 15.98 1.16 24.94
N GLN F 55 17.30 0.94 25.01
CA GLN F 55 18.07 0.46 23.86
C GLN F 55 17.67 -0.93 23.39
N ALA F 56 17.39 -1.82 24.33
CA ALA F 56 17.05 -3.22 24.02
C ALA F 56 15.61 -3.36 23.49
N TYR F 57 14.67 -2.73 24.19
CA TYR F 57 13.24 -2.96 24.00
C TYR F 57 12.42 -1.79 23.50
N GLY F 58 13.00 -0.58 23.43
CA GLY F 58 12.26 0.65 23.17
C GLY F 58 11.55 0.70 21.84
N ARG F 59 12.30 0.39 20.77
CA ARG F 59 11.75 0.37 19.41
C ARG F 59 10.58 -0.64 19.26
N ASP F 60 10.74 -1.84 19.82
CA ASP F 60 9.68 -2.87 19.81
C ASP F 60 8.43 -2.45 20.57
N LEU F 61 8.63 -1.89 21.76
CA LEU F 61 7.52 -1.35 22.55
C LEU F 61 6.83 -0.18 21.86
N MET F 62 7.59 0.73 21.27
CA MET F 62 7.03 1.86 20.53
C MET F 62 6.15 1.41 19.35
N GLU F 63 6.61 0.38 18.65
CA GLU F 63 5.87 -0.23 17.53
C GLU F 63 4.59 -0.94 18.01
N ALA F 64 4.67 -1.63 19.15
CA ALA F 64 3.51 -2.26 19.78
C ALA F 64 2.39 -1.28 20.09
N GLN F 65 2.77 -0.11 20.62
CA GLN F 65 1.81 0.99 20.84
C GLN F 65 1.19 1.49 19.53
N GLU F 66 1.99 1.62 18.47
CA GLU F 66 1.44 2.01 17.15
C GLU F 66 0.42 1.01 16.59
N TRP F 67 0.63 -0.29 16.84
CA TRP F 67 -0.34 -1.33 16.48
C TRP F 67 -1.62 -1.25 17.29
N CYS F 68 -1.50 -0.99 18.59
CA CYS F 68 -2.66 -0.70 19.46
C CYS F 68 -3.47 0.52 18.99
N ARG F 69 -2.76 1.57 18.59
CA ARG F 69 -3.38 2.78 18.03
C ARG F 69 -3.97 2.57 16.64
N LYS F 70 -3.38 1.65 15.87
CA LYS F 70 -3.98 1.17 14.62
C LYS F 70 -5.33 0.48 14.93
N TYR F 71 -5.36 -0.38 15.96
CA TYR F 71 -6.58 -1.07 16.41
C TYR F 71 -7.71 -0.12 16.79
N MET F 72 -7.36 0.94 17.55
N MET F 72 -7.41 0.93 17.55
CA MET F 72 -8.31 1.99 17.95
CA MET F 72 -8.47 1.89 17.96
C MET F 72 -9.12 2.59 16.78
C MET F 72 -9.13 2.67 16.80
N LYS F 73 -8.46 2.76 15.64
CA LYS F 73 -9.08 3.31 14.41
C LYS F 73 -9.72 2.22 13.55
N SER F 74 -9.00 1.12 13.30
CA SER F 74 -9.44 0.04 12.42
C SER F 74 -10.53 -0.89 13.00
N GLY F 75 -10.47 -1.15 14.31
CA GLY F 75 -11.29 -2.16 14.95
C GLY F 75 -10.92 -3.59 14.61
N ASN F 76 -9.74 -3.82 14.00
CA ASN F 76 -9.31 -5.12 13.52
C ASN F 76 -8.43 -5.76 14.60
N VAL F 77 -8.95 -6.76 15.30
CA VAL F 77 -8.23 -7.46 16.41
C VAL F 77 -6.85 -8.07 16.03
N LYS F 78 -6.70 -8.42 14.75
CA LYS F 78 -5.39 -8.77 14.14
C LYS F 78 -4.28 -7.74 14.45
N ASP F 79 -4.64 -6.46 14.51
CA ASP F 79 -3.72 -5.40 14.97
C ASP F 79 -3.28 -5.54 16.43
N LEU F 80 -4.19 -5.93 17.32
CA LEU F 80 -3.80 -6.28 18.72
C LEU F 80 -2.93 -7.54 18.79
N THR F 81 -3.21 -8.51 17.93
CA THR F 81 -2.38 -9.70 17.83
C THR F 81 -0.93 -9.34 17.42
N GLN F 82 -0.75 -8.42 16.47
CA GLN F 82 0.58 -7.88 16.10
C GLN F 82 1.29 -7.25 17.29
N ALA F 83 0.56 -6.40 18.02
CA ALA F 83 1.06 -5.76 19.24
C ALA F 83 1.51 -6.78 20.28
N TRP F 84 0.69 -7.80 20.51
CA TRP F 84 0.99 -8.85 21.47
C TRP F 84 2.17 -9.75 21.06
N ASP F 85 2.40 -9.92 19.76
CA ASP F 85 3.65 -10.56 19.25
C ASP F 85 4.87 -9.78 19.77
N LEU F 86 4.83 -8.45 19.63
CA LEU F 86 5.92 -7.57 20.11
C LEU F 86 6.04 -7.54 21.64
N TYR F 87 4.92 -7.41 22.32
CA TYR F 87 4.89 -7.45 23.80
C TYR F 87 5.41 -8.77 24.35
N TYR F 88 5.02 -9.90 23.74
CA TYR F 88 5.46 -11.23 24.19
C TYR F 88 6.96 -11.39 24.04
N HIS F 89 7.50 -10.92 22.90
CA HIS F 89 8.96 -10.95 22.64
C HIS F 89 9.75 -10.24 23.72
N VAL F 90 9.31 -9.04 24.08
CA VAL F 90 9.91 -8.29 25.19
C VAL F 90 9.72 -9.04 26.51
N PHE F 91 8.50 -9.51 26.78
CA PHE F 91 8.18 -10.20 28.04
C PHE F 91 9.03 -11.45 28.29
N ARG F 92 9.27 -12.25 27.24
CA ARG F 92 10.16 -13.42 27.36
C ARG F 92 11.60 -13.01 27.66
N ARG F 93 12.08 -11.98 26.96
CA ARG F 93 13.46 -11.51 27.13
C ARG F 93 13.77 -10.85 28.50
N ILE F 94 12.76 -10.26 29.15
CA ILE F 94 12.88 -9.67 30.51
C ILE F 94 12.41 -10.60 31.64
N SER F 95 11.79 -11.75 31.32
CA SER F 95 11.46 -12.79 32.32
C SER F 95 12.73 -13.41 32.89
#